data_1QY8
#
_entry.id   1QY8
#
_cell.length_a   86.749
_cell.length_b   99.367
_cell.length_c   63.298
_cell.angle_alpha   90.00
_cell.angle_beta   90.00
_cell.angle_gamma   90.00
#
_symmetry.space_group_name_H-M   'C 2 2 21'
#
loop_
_entity.id
_entity.type
_entity.pdbx_description
1 polymer Endoplasmin
2 non-polymer RADICICOL
3 water water
#
_entity_poly.entity_id   1
_entity_poly.type   'polypeptide(L)'
_entity_poly.pdbx_seq_one_letter_code
;LREKSEKFAFQAEVNRMMKLIINSLYKNKEIFLRELISNASDALDKIRLISLTDENALAGNEELTVKIKCDKEKNLLHVT
DTGVGMTREELVKNLGTIAKSGTSEFLNKMTEAQEDGQSTSELIGQFGVGFYSAFLVADKVIVTSKHNNDTQHIWESDSN
EFSVIADPRGNTLGRGTTITLVLKEEASDYLELDTIKNLVKKYSQFINFPIYVWSSKTETVEEPMEEEEAAKEEKEDSDD
EAAVEEEEEEKKPKTKKVEKTVWDWELMN
;
_entity_poly.pdbx_strand_id   A
#
loop_
_chem_comp.id
_chem_comp.type
_chem_comp.name
_chem_comp.formula
RDI non-polymer RADICICOL 'C18 H23 Cl O6'
#
# COMPACT_ATOMS: atom_id res chain seq x y z
N LYS A 4 22.16 -1.18 -11.65
CA LYS A 4 21.22 -2.26 -11.23
C LYS A 4 19.74 -1.89 -11.46
N SER A 5 19.42 -0.62 -11.25
CA SER A 5 18.04 -0.13 -11.39
C SER A 5 17.41 -0.41 -12.75
N GLU A 6 16.41 -1.29 -12.80
CA GLU A 6 15.76 -1.58 -14.07
C GLU A 6 14.51 -0.70 -14.24
N LYS A 7 14.36 -0.16 -15.44
CA LYS A 7 13.23 0.70 -15.78
C LYS A 7 12.14 -0.06 -16.52
N PHE A 8 10.89 0.19 -16.17
CA PHE A 8 9.81 -0.46 -16.85
C PHE A 8 8.70 0.53 -17.22
N ALA A 9 7.97 0.21 -18.29
CA ALA A 9 6.80 1.03 -18.62
C ALA A 9 5.67 0.20 -18.04
N PHE A 10 4.58 0.86 -17.64
CA PHE A 10 3.43 0.12 -17.16
C PHE A 10 2.77 -0.47 -18.40
N GLN A 11 2.07 -1.56 -18.18
CA GLN A 11 1.29 -2.22 -19.20
C GLN A 11 0.16 -1.22 -19.55
N ALA A 12 -0.29 -1.22 -20.79
CA ALA A 12 -1.34 -0.29 -21.22
C ALA A 12 -2.59 -0.36 -20.32
N GLU A 13 -3.04 -1.58 -20.03
CA GLU A 13 -4.19 -1.83 -19.19
C GLU A 13 -4.05 -1.21 -17.80
N VAL A 14 -2.84 -1.22 -17.26
CA VAL A 14 -2.58 -0.66 -15.94
C VAL A 14 -2.68 0.85 -16.08
N ASN A 15 -2.15 1.41 -17.17
CA ASN A 15 -2.30 2.86 -17.34
C ASN A 15 -3.80 3.22 -17.38
N ARG A 16 -4.57 2.46 -18.14
CA ARG A 16 -6.01 2.73 -18.25
C ARG A 16 -6.71 2.52 -16.90
N MET A 17 -6.28 1.49 -16.18
CA MET A 17 -6.84 1.17 -14.86
C MET A 17 -6.55 2.28 -13.85
N MET A 18 -5.34 2.82 -13.88
CA MET A 18 -4.97 3.89 -12.96
C MET A 18 -5.90 5.08 -13.16
N LYS A 19 -6.14 5.40 -14.42
CA LYS A 19 -7.01 6.54 -14.73
C LYS A 19 -8.48 6.33 -14.28
N LEU A 20 -9.00 5.12 -14.43
CA LEU A 20 -10.37 4.80 -14.03
C LEU A 20 -10.48 4.93 -12.52
N ILE A 21 -9.47 4.44 -11.81
CA ILE A 21 -9.48 4.48 -10.37
C ILE A 21 -9.42 5.91 -9.87
N ILE A 22 -8.48 6.68 -10.44
CA ILE A 22 -8.30 8.07 -10.06
C ILE A 22 -9.59 8.85 -10.26
N ASN A 23 -10.24 8.61 -11.38
CA ASN A 23 -11.47 9.32 -11.65
C ASN A 23 -12.61 8.87 -10.76
N SER A 24 -12.65 7.59 -10.42
CA SER A 24 -13.69 7.09 -9.55
C SER A 24 -13.60 7.70 -8.15
N LEU A 25 -12.37 7.84 -7.64
CA LEU A 25 -12.14 8.35 -6.28
C LEU A 25 -11.71 9.80 -6.15
N TYR A 26 -11.74 10.54 -7.26
CA TYR A 26 -11.29 11.92 -7.27
C TYR A 26 -11.87 12.84 -6.19
N LYS A 27 -13.14 12.64 -5.84
CA LYS A 27 -13.75 13.50 -4.83
C LYS A 27 -13.75 12.84 -3.47
N ASN A 28 -13.07 11.71 -3.36
CA ASN A 28 -13.00 11.02 -2.10
C ASN A 28 -11.59 10.48 -1.95
N LYS A 29 -10.60 11.36 -2.11
CA LYS A 29 -9.19 10.96 -2.05
C LYS A 29 -8.80 10.20 -0.79
N GLU A 30 -9.35 10.58 0.35
CA GLU A 30 -9.05 9.92 1.61
C GLU A 30 -9.13 8.39 1.55
N ILE A 31 -9.94 7.89 0.62
CA ILE A 31 -10.08 6.46 0.45
C ILE A 31 -8.76 5.72 0.16
N PHE A 32 -7.74 6.44 -0.31
CA PHE A 32 -6.47 5.75 -0.62
C PHE A 32 -5.94 5.05 0.62
N LEU A 33 -6.15 5.66 1.78
CA LEU A 33 -5.68 5.11 3.04
C LEU A 33 -6.46 3.85 3.40
N ARG A 34 -7.75 3.84 3.13
CA ARG A 34 -8.55 2.67 3.42
C ARG A 34 -8.05 1.50 2.56
N GLU A 35 -7.74 1.79 1.32
CA GLU A 35 -7.26 0.74 0.43
C GLU A 35 -5.89 0.22 0.82
N LEU A 36 -5.00 1.11 1.25
CA LEU A 36 -3.67 0.67 1.66
C LEU A 36 -3.78 -0.17 2.94
N ILE A 37 -4.70 0.20 3.82
CA ILE A 37 -4.86 -0.58 5.05
C ILE A 37 -5.41 -1.98 4.70
N SER A 38 -6.39 -2.00 3.82
CA SER A 38 -7.01 -3.25 3.37
C SER A 38 -5.94 -4.15 2.72
N ASN A 39 -5.05 -3.55 1.92
CA ASN A 39 -3.97 -4.32 1.28
C ASN A 39 -3.06 -4.92 2.32
N ALA A 40 -2.72 -4.12 3.31
CA ALA A 40 -1.83 -4.54 4.40
C ALA A 40 -2.48 -5.73 5.12
N SER A 41 -3.76 -5.59 5.45
CA SER A 41 -4.52 -6.64 6.13
C SER A 41 -4.49 -7.96 5.36
N ASP A 42 -4.78 -7.89 4.07
CA ASP A 42 -4.79 -9.07 3.22
C ASP A 42 -3.41 -9.72 3.17
N ALA A 43 -2.36 -8.91 3.16
CA ALA A 43 -1.00 -9.44 3.12
C ALA A 43 -0.68 -10.15 4.43
N LEU A 44 -1.18 -9.59 5.52
CA LEU A 44 -1.02 -10.18 6.84
C LEU A 44 -1.83 -11.51 6.88
N ASP A 45 -3.04 -11.51 6.34
CA ASP A 45 -3.84 -12.75 6.33
C ASP A 45 -3.07 -13.82 5.55
N LYS A 46 -2.44 -13.44 4.45
CA LYS A 46 -1.69 -14.42 3.68
C LYS A 46 -0.50 -15.03 4.41
N ILE A 47 0.30 -14.22 5.10
CA ILE A 47 1.44 -14.80 5.81
C ILE A 47 0.92 -15.61 6.97
N ARG A 48 -0.20 -15.18 7.55
CA ARG A 48 -0.79 -15.93 8.64
C ARG A 48 -1.21 -17.33 8.14
N LEU A 49 -1.82 -17.41 6.97
CA LEU A 49 -2.23 -18.71 6.44
C LEU A 49 -1.02 -19.57 6.09
N ILE A 50 0.03 -18.94 5.57
CA ILE A 50 1.23 -19.67 5.22
C ILE A 50 1.87 -20.25 6.48
N SER A 51 1.74 -19.54 7.61
CA SER A 51 2.34 -20.03 8.85
C SER A 51 1.65 -21.30 9.31
N LEU A 52 0.43 -21.56 8.83
CA LEU A 52 -0.28 -22.78 9.22
C LEU A 52 0.43 -23.98 8.59
N THR A 53 1.07 -23.77 7.45
CA THR A 53 1.75 -24.85 6.72
C THR A 53 3.28 -24.77 6.68
N ASP A 54 3.84 -23.71 7.25
CA ASP A 54 5.29 -23.51 7.27
C ASP A 54 5.61 -23.01 8.67
N GLU A 55 6.27 -23.86 9.45
CA GLU A 55 6.65 -23.56 10.84
C GLU A 55 7.50 -22.32 11.01
N ASN A 56 8.48 -22.15 10.11
CA ASN A 56 9.38 -21.01 10.19
C ASN A 56 8.91 -19.79 9.40
N ALA A 57 7.66 -19.80 8.94
CA ALA A 57 7.12 -18.69 8.15
C ALA A 57 7.33 -17.28 8.73
N LEU A 58 7.20 -17.15 10.05
CA LEU A 58 7.36 -15.83 10.68
C LEU A 58 8.77 -15.48 11.17
N ALA A 59 9.71 -16.40 11.01
CA ALA A 59 11.10 -16.19 11.44
C ALA A 59 11.64 -14.79 11.16
N GLY A 60 11.35 -14.25 9.98
CA GLY A 60 11.86 -12.93 9.63
C GLY A 60 11.28 -11.77 10.41
N ASN A 61 10.14 -11.96 11.06
CA ASN A 61 9.54 -10.87 11.83
C ASN A 61 8.28 -11.39 12.53
N GLU A 62 8.45 -11.91 13.74
CA GLU A 62 7.35 -12.50 14.51
C GLU A 62 6.10 -11.65 14.77
N GLU A 63 6.09 -10.41 14.30
CA GLU A 63 4.93 -9.54 14.51
C GLU A 63 3.96 -9.57 13.34
N LEU A 64 2.68 -9.36 13.62
CA LEU A 64 1.63 -9.32 12.60
C LEU A 64 0.97 -7.96 12.79
N THR A 65 1.60 -6.92 12.24
CA THR A 65 1.11 -5.55 12.44
C THR A 65 1.07 -4.64 11.20
N VAL A 66 0.40 -3.52 11.34
CA VAL A 66 0.34 -2.50 10.32
C VAL A 66 0.79 -1.24 11.09
N LYS A 67 1.92 -0.66 10.70
CA LYS A 67 2.46 0.52 11.35
C LYS A 67 2.55 1.69 10.37
N ILE A 68 1.93 2.80 10.77
CA ILE A 68 1.86 4.01 9.97
C ILE A 68 2.61 5.18 10.60
N LYS A 69 3.45 5.84 9.82
CA LYS A 69 4.16 6.99 10.35
C LYS A 69 4.17 8.16 9.36
N CYS A 70 4.08 9.37 9.92
CA CYS A 70 4.10 10.60 9.12
C CYS A 70 5.46 11.22 9.31
N ASP A 71 6.00 11.81 8.26
CA ASP A 71 7.27 12.49 8.35
C ASP A 71 7.02 13.84 7.71
N LYS A 72 6.36 14.71 8.46
CA LYS A 72 6.02 16.04 7.98
C LYS A 72 7.23 16.78 7.48
N GLU A 73 8.34 16.67 8.21
CA GLU A 73 9.56 17.37 7.82
C GLU A 73 10.23 16.80 6.58
N LYS A 74 9.74 15.65 6.09
CA LYS A 74 10.29 15.04 4.88
C LYS A 74 9.18 14.93 3.84
N ASN A 75 7.97 15.29 4.25
CA ASN A 75 6.80 15.24 3.37
C ASN A 75 6.44 13.81 2.96
N LEU A 76 6.59 12.87 3.89
CA LEU A 76 6.30 11.48 3.56
C LEU A 76 5.29 10.85 4.49
N LEU A 77 4.53 9.91 3.92
CA LEU A 77 3.58 9.13 4.68
C LEU A 77 4.04 7.68 4.42
N HIS A 78 4.22 6.89 5.48
CA HIS A 78 4.66 5.49 5.37
C HIS A 78 3.61 4.53 5.95
N VAL A 79 3.27 3.48 5.22
CA VAL A 79 2.31 2.45 5.69
C VAL A 79 3.09 1.15 5.56
N THR A 80 3.41 0.54 6.70
CA THR A 80 4.23 -0.68 6.70
C THR A 80 3.48 -1.85 7.34
N ASP A 81 3.48 -3.00 6.66
CA ASP A 81 2.84 -4.17 7.22
C ASP A 81 3.90 -5.28 7.33
N THR A 82 3.68 -6.23 8.22
CA THR A 82 4.60 -7.35 8.31
C THR A 82 3.92 -8.58 7.69
N GLY A 83 3.33 -8.36 6.50
CA GLY A 83 2.67 -9.42 5.76
C GLY A 83 3.66 -10.27 4.98
N VAL A 84 3.12 -11.01 4.02
CA VAL A 84 3.89 -11.92 3.18
C VAL A 84 5.00 -11.27 2.35
N GLY A 85 4.79 -10.01 1.95
CA GLY A 85 5.78 -9.32 1.14
C GLY A 85 5.73 -9.81 -0.30
N MET A 86 6.63 -9.29 -1.11
CA MET A 86 6.72 -9.61 -2.51
C MET A 86 8.16 -9.75 -2.94
N THR A 87 8.40 -10.78 -3.75
CA THR A 87 9.73 -11.00 -4.32
C THR A 87 9.88 -9.93 -5.41
N ARG A 88 11.07 -9.84 -5.97
CA ARG A 88 11.31 -8.86 -7.03
C ARG A 88 10.33 -9.08 -8.21
N GLU A 89 10.17 -10.33 -8.65
CA GLU A 89 9.28 -10.61 -9.77
C GLU A 89 7.82 -10.21 -9.47
N GLU A 90 7.40 -10.39 -8.22
CA GLU A 90 6.02 -10.05 -7.82
C GLU A 90 5.79 -8.54 -7.75
N LEU A 91 6.84 -7.78 -7.44
CA LEU A 91 6.76 -6.32 -7.41
C LEU A 91 6.42 -5.83 -8.81
N VAL A 92 7.19 -6.31 -9.78
CA VAL A 92 7.03 -5.94 -11.16
C VAL A 92 5.66 -6.37 -11.66
N LYS A 93 5.32 -7.62 -11.38
CA LYS A 93 4.05 -8.19 -11.83
C LYS A 93 2.82 -7.61 -11.14
N ASN A 94 2.85 -7.53 -9.81
CA ASN A 94 1.67 -7.02 -9.13
C ASN A 94 1.39 -5.55 -9.37
N LEU A 95 2.43 -4.73 -9.42
CA LEU A 95 2.26 -3.29 -9.60
C LEU A 95 2.28 -2.79 -11.04
N GLY A 96 2.98 -3.51 -11.91
CA GLY A 96 3.12 -3.05 -13.27
C GLY A 96 2.33 -3.71 -14.38
N THR A 97 1.57 -4.75 -14.05
CA THR A 97 0.80 -5.48 -15.05
C THR A 97 -0.53 -5.93 -14.44
N ILE A 98 -1.41 -6.42 -15.30
CA ILE A 98 -2.68 -6.94 -14.84
C ILE A 98 -2.33 -8.37 -14.44
N ALA A 99 -1.75 -8.52 -13.24
CA ALA A 99 -1.29 -9.79 -12.71
C ALA A 99 -2.33 -10.93 -12.65
N LYS A 100 -3.21 -10.86 -11.66
CA LYS A 100 -4.23 -11.89 -11.46
C LYS A 100 -5.34 -11.92 -12.53
N SER A 101 -5.95 -13.10 -12.69
CA SER A 101 -7.04 -13.31 -13.66
C SER A 101 -8.17 -12.35 -13.28
N GLY A 102 -8.21 -12.02 -11.99
CA GLY A 102 -9.24 -11.13 -11.47
C GLY A 102 -9.05 -9.66 -11.81
N THR A 103 -7.82 -9.20 -12.02
CA THR A 103 -7.59 -7.79 -12.33
C THR A 103 -8.27 -7.50 -13.66
N SER A 104 -8.20 -8.46 -14.58
CA SER A 104 -8.85 -8.29 -15.88
C SER A 104 -10.36 -8.14 -15.65
N GLU A 105 -10.88 -8.93 -14.72
CA GLU A 105 -12.30 -8.90 -14.38
C GLU A 105 -12.66 -7.53 -13.82
N PHE A 106 -11.88 -7.05 -12.85
CA PHE A 106 -12.13 -5.73 -12.29
C PHE A 106 -12.14 -4.68 -13.39
N LEU A 107 -11.17 -4.77 -14.30
CA LEU A 107 -11.08 -3.80 -15.38
C LEU A 107 -12.35 -3.74 -16.20
N ASN A 108 -12.92 -4.90 -16.50
CA ASN A 108 -14.14 -4.93 -17.30
C ASN A 108 -15.35 -4.48 -16.49
N LYS A 109 -15.44 -4.93 -15.24
CA LYS A 109 -16.53 -4.55 -14.36
C LYS A 109 -16.50 -3.05 -14.08
N MET A 110 -15.29 -2.53 -13.82
CA MET A 110 -15.11 -1.13 -13.52
C MET A 110 -15.60 -0.30 -14.70
N THR A 111 -15.19 -0.71 -15.90
CA THR A 111 -15.57 0.00 -17.10
C THR A 111 -17.08 0.02 -17.34
N GLU A 112 -17.75 -1.09 -17.10
CA GLU A 112 -19.19 -1.14 -17.28
C GLU A 112 -19.88 -0.32 -16.19
N ALA A 113 -19.48 -0.52 -14.93
CA ALA A 113 -20.08 0.20 -13.83
C ALA A 113 -19.94 1.70 -14.02
N GLN A 114 -18.75 2.13 -14.44
CA GLN A 114 -18.47 3.54 -14.61
C GLN A 114 -19.30 4.09 -15.75
N GLU A 115 -19.67 3.21 -16.67
CA GLU A 115 -20.46 3.57 -17.83
C GLU A 115 -21.94 3.73 -17.48
N ASP A 116 -22.43 2.83 -16.62
CA ASP A 116 -23.84 2.83 -16.24
C ASP A 116 -24.20 3.48 -14.88
N GLY A 117 -23.29 4.27 -14.33
CA GLY A 117 -23.55 4.94 -13.06
C GLY A 117 -23.64 4.11 -11.79
N GLN A 118 -23.18 2.86 -11.81
CA GLN A 118 -23.20 2.03 -10.62
C GLN A 118 -21.97 2.37 -9.77
N SER A 119 -22.06 2.23 -8.44
CA SER A 119 -20.93 2.56 -7.56
C SER A 119 -19.67 1.79 -7.93
N THR A 120 -18.53 2.47 -7.83
CA THR A 120 -17.27 1.83 -8.17
C THR A 120 -16.30 1.65 -7.04
N SER A 121 -16.45 2.41 -5.96
CA SER A 121 -15.50 2.27 -4.85
C SER A 121 -15.49 0.86 -4.28
N GLU A 122 -16.63 0.17 -4.31
CA GLU A 122 -16.69 -1.18 -3.77
C GLU A 122 -15.91 -2.15 -4.66
N LEU A 123 -16.00 -1.96 -5.97
CA LEU A 123 -15.29 -2.83 -6.92
C LEU A 123 -13.78 -2.75 -6.71
N ILE A 124 -13.28 -1.55 -6.43
CA ILE A 124 -11.86 -1.32 -6.20
C ILE A 124 -11.40 -2.16 -5.02
N GLY A 125 -12.16 -2.06 -3.91
CA GLY A 125 -11.83 -2.82 -2.71
C GLY A 125 -12.00 -4.32 -2.87
N GLN A 126 -13.02 -4.71 -3.64
CA GLN A 126 -13.30 -6.12 -3.88
C GLN A 126 -12.15 -6.79 -4.61
N PHE A 127 -11.60 -6.12 -5.61
CA PHE A 127 -10.51 -6.71 -6.39
C PHE A 127 -9.09 -6.36 -5.91
N GLY A 128 -9.03 -5.62 -4.80
CA GLY A 128 -7.78 -5.21 -4.20
C GLY A 128 -6.80 -4.50 -5.12
N VAL A 129 -7.32 -3.55 -5.90
CA VAL A 129 -6.52 -2.76 -6.83
C VAL A 129 -6.49 -1.29 -6.42
N GLY A 130 -6.77 -1.06 -5.14
CA GLY A 130 -6.80 0.29 -4.59
C GLY A 130 -5.46 0.99 -4.48
N PHE A 131 -4.36 0.23 -4.59
CA PHE A 131 -3.03 0.84 -4.53
C PHE A 131 -2.89 2.09 -5.41
N TYR A 132 -3.39 2.01 -6.64
CA TYR A 132 -3.23 3.14 -7.55
C TYR A 132 -3.90 4.42 -7.08
N SER A 133 -4.83 4.32 -6.12
CA SER A 133 -5.47 5.55 -5.65
C SER A 133 -4.48 6.42 -4.88
N ALA A 134 -3.32 5.86 -4.51
CA ALA A 134 -2.34 6.65 -3.82
C ALA A 134 -1.90 7.80 -4.72
N PHE A 135 -2.03 7.66 -6.05
CA PHE A 135 -1.59 8.76 -6.90
C PHE A 135 -2.47 10.00 -6.83
N LEU A 136 -3.62 9.86 -6.17
CA LEU A 136 -4.51 11.01 -5.99
C LEU A 136 -3.87 11.99 -4.99
N VAL A 137 -3.06 11.47 -4.07
CA VAL A 137 -2.43 12.36 -3.11
C VAL A 137 -0.90 12.42 -3.16
N ALA A 138 -0.31 11.61 -4.02
CA ALA A 138 1.15 11.56 -4.07
C ALA A 138 1.73 11.74 -5.46
N ASP A 139 2.84 12.48 -5.54
CA ASP A 139 3.57 12.70 -6.78
C ASP A 139 4.49 11.50 -7.05
N LYS A 140 4.83 10.77 -5.99
CA LYS A 140 5.70 9.59 -6.13
C LYS A 140 5.31 8.55 -5.09
N VAL A 141 5.24 7.29 -5.51
CA VAL A 141 4.91 6.21 -4.59
C VAL A 141 6.11 5.26 -4.62
N ILE A 142 6.57 4.87 -3.43
CA ILE A 142 7.72 3.96 -3.33
C ILE A 142 7.26 2.74 -2.55
N VAL A 143 7.59 1.56 -3.07
CA VAL A 143 7.20 0.34 -2.38
C VAL A 143 8.44 -0.46 -2.05
N THR A 144 8.69 -0.66 -0.76
CA THR A 144 9.85 -1.45 -0.32
C THR A 144 9.28 -2.78 0.17
N SER A 145 9.81 -3.91 -0.30
CA SER A 145 9.23 -5.16 0.14
C SER A 145 10.25 -6.28 0.36
N LYS A 146 9.92 -7.14 1.32
CA LYS A 146 10.76 -8.29 1.68
C LYS A 146 9.87 -9.52 1.84
N HIS A 147 10.10 -10.51 0.99
CA HIS A 147 9.40 -11.79 0.99
C HIS A 147 10.40 -12.87 1.48
N ASN A 148 9.91 -13.91 2.15
CA ASN A 148 10.81 -14.97 2.61
C ASN A 148 11.65 -15.58 1.49
N ASN A 149 11.18 -15.56 0.25
CA ASN A 149 11.97 -16.18 -0.81
C ASN A 149 12.85 -15.25 -1.61
N ASP A 150 13.07 -14.03 -1.11
CA ASP A 150 13.90 -13.13 -1.87
C ASP A 150 14.51 -12.05 -0.99
N THR A 151 15.39 -11.23 -1.56
CA THR A 151 16.01 -10.16 -0.82
C THR A 151 15.11 -8.93 -0.96
N GLN A 152 15.36 -7.91 -0.15
CA GLN A 152 14.54 -6.67 -0.14
C GLN A 152 14.75 -5.83 -1.41
N HIS A 153 13.64 -5.38 -2.02
CA HIS A 153 13.74 -4.54 -3.20
C HIS A 153 12.87 -3.30 -3.03
N ILE A 154 13.11 -2.31 -3.87
CA ILE A 154 12.36 -1.06 -3.86
C ILE A 154 11.81 -0.84 -5.28
N TRP A 155 10.52 -0.54 -5.35
CA TRP A 155 9.82 -0.23 -6.58
C TRP A 155 9.52 1.28 -6.41
N GLU A 156 9.60 2.08 -7.46
CA GLU A 156 9.32 3.51 -7.30
C GLU A 156 8.67 4.01 -8.60
N SER A 157 7.73 4.94 -8.48
CA SER A 157 7.08 5.41 -9.69
C SER A 157 6.37 6.74 -9.44
N ASP A 158 6.34 7.57 -10.48
CA ASP A 158 5.61 8.83 -10.43
C ASP A 158 4.35 8.66 -11.33
N SER A 159 4.04 7.41 -11.65
CA SER A 159 2.92 6.94 -12.52
C SER A 159 3.26 6.94 -14.04
N ASN A 160 4.38 7.57 -14.45
CA ASN A 160 4.77 7.66 -15.86
C ASN A 160 5.72 6.54 -16.33
N GLU A 161 6.13 5.71 -15.38
CA GLU A 161 7.05 4.60 -15.61
C GLU A 161 7.38 4.12 -14.18
N PHE A 162 8.07 2.99 -14.03
CA PHE A 162 8.45 2.55 -12.70
C PHE A 162 9.82 1.89 -12.80
N SER A 163 10.53 1.84 -11.68
CA SER A 163 11.81 1.13 -11.66
C SER A 163 11.90 0.27 -10.40
N VAL A 164 12.79 -0.72 -10.44
CA VAL A 164 12.96 -1.59 -9.29
C VAL A 164 14.46 -1.79 -9.15
N ILE A 165 14.93 -1.76 -7.91
CA ILE A 165 16.34 -1.95 -7.59
C ILE A 165 16.45 -2.79 -6.31
N ALA A 166 17.52 -3.55 -6.16
CA ALA A 166 17.68 -4.31 -4.93
C ALA A 166 17.91 -3.20 -3.88
N ASP A 167 17.36 -3.34 -2.68
CA ASP A 167 17.51 -2.31 -1.64
C ASP A 167 18.96 -2.34 -1.12
N PRO A 168 19.72 -1.26 -1.33
CA PRO A 168 21.10 -1.28 -0.82
C PRO A 168 21.16 -1.27 0.72
N ARG A 169 20.03 -1.00 1.36
CA ARG A 169 19.97 -0.98 2.81
C ARG A 169 19.88 -2.38 3.43
N GLY A 170 19.82 -3.40 2.56
CA GLY A 170 19.71 -4.78 3.03
C GLY A 170 18.32 -5.13 3.54
N ASN A 171 18.24 -6.23 4.28
CA ASN A 171 16.98 -6.70 4.84
C ASN A 171 16.63 -5.91 6.10
N THR A 172 15.92 -4.79 5.94
CA THR A 172 15.56 -3.98 7.11
C THR A 172 14.15 -4.19 7.59
N LEU A 173 13.32 -4.74 6.72
CA LEU A 173 11.93 -4.99 7.03
C LEU A 173 11.73 -6.32 7.77
N GLY A 174 12.61 -7.28 7.50
CA GLY A 174 12.49 -8.60 8.14
C GLY A 174 11.61 -9.41 7.21
N ARG A 175 10.38 -8.92 7.04
CA ARG A 175 9.37 -9.48 6.17
C ARG A 175 8.27 -8.44 6.07
N GLY A 176 7.78 -8.20 4.86
CA GLY A 176 6.68 -7.25 4.76
C GLY A 176 6.83 -6.21 3.68
N THR A 177 6.03 -5.17 3.81
CA THR A 177 6.03 -4.14 2.80
C THR A 177 5.76 -2.77 3.38
N THR A 178 6.47 -1.78 2.84
CA THR A 178 6.26 -0.41 3.20
C THR A 178 5.83 0.35 1.95
N ILE A 179 4.75 1.10 2.06
CA ILE A 179 4.28 1.94 0.96
C ILE A 179 4.67 3.33 1.43
N THR A 180 5.51 4.01 0.67
CA THR A 180 5.91 5.36 1.07
C THR A 180 5.33 6.37 0.07
N LEU A 181 4.56 7.34 0.56
CA LEU A 181 3.96 8.35 -0.30
C LEU A 181 4.66 9.69 -0.18
N VAL A 182 5.14 10.23 -1.30
CA VAL A 182 5.75 11.57 -1.32
C VAL A 182 4.53 12.43 -1.66
N LEU A 183 3.97 13.06 -0.64
CA LEU A 183 2.75 13.83 -0.82
C LEU A 183 2.77 15.09 -1.68
N LYS A 184 1.68 15.31 -2.39
CA LYS A 184 1.52 16.50 -3.21
C LYS A 184 1.40 17.68 -2.25
N GLU A 185 1.66 18.89 -2.75
CA GLU A 185 1.55 20.07 -1.91
C GLU A 185 0.12 20.15 -1.36
N GLU A 186 -0.85 20.04 -2.26
CA GLU A 186 -2.27 20.10 -1.92
C GLU A 186 -2.71 19.05 -0.89
N ALA A 187 -1.86 18.06 -0.63
CA ALA A 187 -2.20 16.98 0.28
C ALA A 187 -1.42 17.00 1.60
N SER A 188 -0.71 18.09 1.87
CA SER A 188 0.08 18.20 3.10
C SER A 188 -0.71 17.88 4.38
N ASP A 189 -2.03 17.95 4.31
CA ASP A 189 -2.91 17.66 5.45
C ASP A 189 -2.67 16.25 6.01
N TYR A 190 -2.33 15.31 5.12
CA TYR A 190 -2.09 13.94 5.52
C TYR A 190 -0.78 13.74 6.27
N LEU A 191 -0.03 14.82 6.46
CA LEU A 191 1.23 14.75 7.19
C LEU A 191 0.93 15.05 8.66
N GLU A 192 -0.27 15.57 8.90
CA GLU A 192 -0.72 15.92 10.26
C GLU A 192 -1.20 14.69 11.04
N LEU A 193 -0.48 14.36 12.11
CA LEU A 193 -0.80 13.19 12.95
C LEU A 193 -2.27 13.03 13.29
N ASP A 194 -2.92 14.14 13.64
CA ASP A 194 -4.33 14.15 14.01
C ASP A 194 -5.24 13.72 12.85
N THR A 195 -4.93 14.15 11.64
CA THR A 195 -5.74 13.79 10.49
C THR A 195 -5.56 12.30 10.23
N ILE A 196 -4.30 11.87 10.20
CA ILE A 196 -3.97 10.48 9.96
C ILE A 196 -4.58 9.56 11.03
N LYS A 197 -4.39 9.86 12.32
CA LYS A 197 -4.97 9.01 13.37
C LYS A 197 -6.45 8.85 13.13
N ASN A 198 -7.17 9.97 13.00
CA ASN A 198 -8.61 9.94 12.76
C ASN A 198 -8.97 9.05 11.57
N LEU A 199 -8.19 9.15 10.47
CA LEU A 199 -8.47 8.33 9.28
C LEU A 199 -8.15 6.87 9.53
N VAL A 200 -7.01 6.60 10.15
CA VAL A 200 -6.61 5.21 10.43
C VAL A 200 -7.65 4.59 11.34
N LYS A 201 -8.14 5.36 12.30
CA LYS A 201 -9.15 4.87 13.23
C LYS A 201 -10.46 4.59 12.50
N LYS A 202 -10.86 5.48 11.59
CA LYS A 202 -12.09 5.26 10.83
C LYS A 202 -12.01 4.05 9.90
N TYR A 203 -10.81 3.76 9.36
CA TYR A 203 -10.67 2.63 8.44
C TYR A 203 -10.03 1.37 8.99
N SER A 204 -9.88 1.23 10.30
CA SER A 204 -9.24 0.04 10.80
C SER A 204 -10.04 -0.81 11.78
N GLN A 205 -11.18 -0.32 12.24
CA GLN A 205 -11.99 -1.06 13.20
C GLN A 205 -12.38 -2.46 12.70
N PHE A 206 -12.55 -2.62 11.38
CA PHE A 206 -12.93 -3.89 10.75
C PHE A 206 -11.74 -4.83 10.53
N ILE A 207 -10.53 -4.31 10.61
CA ILE A 207 -9.34 -5.14 10.38
C ILE A 207 -9.04 -6.06 11.55
N ASN A 208 -8.57 -7.26 11.21
CA ASN A 208 -8.27 -8.28 12.22
C ASN A 208 -6.86 -8.21 12.79
N PHE A 209 -6.10 -7.20 12.39
CA PHE A 209 -4.75 -7.07 12.90
C PHE A 209 -4.58 -5.72 13.58
N PRO A 210 -3.66 -5.63 14.54
CA PRO A 210 -3.42 -4.37 15.26
C PRO A 210 -2.79 -3.35 14.30
N ILE A 211 -3.28 -2.11 14.36
CA ILE A 211 -2.78 -1.02 13.53
C ILE A 211 -2.31 0.15 14.41
N TYR A 212 -1.03 0.50 14.27
CA TYR A 212 -0.41 1.58 15.05
C TYR A 212 0.02 2.77 14.21
N VAL A 213 0.08 3.92 14.86
CA VAL A 213 0.54 5.16 14.23
C VAL A 213 1.58 5.76 15.18
N TRP A 214 2.72 6.15 14.63
CA TRP A 214 3.78 6.76 15.42
C TRP A 214 3.25 8.11 15.85
N SER A 215 2.93 8.26 17.14
CA SER A 215 2.40 9.52 17.64
C SER A 215 3.17 10.08 18.83
N SER A 216 3.05 11.38 19.02
CA SER A 216 3.73 12.08 20.10
C SER A 216 2.71 12.69 21.06
N LYS A 217 3.14 12.93 22.29
CA LYS A 217 2.28 13.52 23.32
C LYS A 217 2.66 14.97 23.61
N THR A 218 3.91 15.17 24.04
CA THR A 218 4.41 16.51 24.36
C THR A 218 3.62 17.11 25.53
N LYS A 260 8.96 18.46 26.85
CA LYS A 260 8.99 17.01 26.93
C LYS A 260 7.98 16.41 25.95
N THR A 261 8.48 15.66 24.98
CA THR A 261 7.64 15.03 23.97
C THR A 261 7.76 13.51 24.02
N VAL A 262 6.63 12.82 24.10
CA VAL A 262 6.62 11.36 24.15
C VAL A 262 6.20 10.76 22.80
N TRP A 263 7.11 10.03 22.17
CA TRP A 263 6.87 9.41 20.86
C TRP A 263 6.79 7.86 20.91
N ASP A 264 5.64 7.31 20.51
CA ASP A 264 5.49 5.87 20.49
C ASP A 264 4.31 5.41 19.63
N TRP A 265 4.26 4.11 19.38
CA TRP A 265 3.19 3.50 18.59
C TRP A 265 1.90 3.58 19.38
N GLU A 266 0.90 4.23 18.81
CA GLU A 266 -0.39 4.34 19.45
C GLU A 266 -1.34 3.43 18.70
N LEU A 267 -1.96 2.50 19.41
CA LEU A 267 -2.90 1.57 18.80
C LEU A 267 -4.22 2.24 18.43
N MET A 268 -4.66 2.07 17.19
CA MET A 268 -5.90 2.65 16.70
C MET A 268 -6.98 1.58 16.56
N ASN A 269 -6.54 0.33 16.66
CA ASN A 269 -7.36 -0.87 16.55
C ASN A 269 -7.28 -1.53 15.17
C1 RDI B . 1.49 -7.03 -0.71
C2 RDI B . 1.08 -5.60 -0.66
C3 RDI B . 1.00 -4.99 0.68
C4 RDI B . 0.58 -3.64 0.86
C5 RDI B . 0.25 -2.84 -0.26
C6 RDI B . 0.35 -3.41 -1.61
C7 RDI B . 0.75 -4.78 -1.83
C8 RDI B . 0.83 -5.35 -3.28
C9 RDI B . -0.41 -5.23 -4.22
C10 RDI B . -1.79 -5.52 -3.75
C11 RDI B . -2.06 -6.44 -2.85
C12 RDI B . -3.36 -6.76 -2.32
C13 RDI B . -3.60 -7.72 -1.42
C14 RDI B . -2.76 -8.77 -0.64
C15 RDI B . -1.85 -9.77 -1.18
C16 RDI B . -0.39 -9.85 -0.72
C17 RDI B . 0.74 -9.21 -1.48
C18 RDI B . 0.90 -9.49 -2.96
O1 RDI B . 0.60 -7.78 -1.32
O2 RDI B . 2.53 -7.45 -0.21
O3 RDI B . 1.32 -5.67 1.81
O4 RDI B . -0.19 -1.54 -0.14
CL1 RDI B . -0.03 -2.39 -2.92
O5 RDI B . -0.26 -4.84 -5.33
O6 RDI B . -3.00 -10.10 -0.44
#